data_1A5T
#
_entry.id   1A5T
#
_cell.length_a   98.900
_cell.length_b   104.000
_cell.length_c   75.600
_cell.angle_alpha   90.00
_cell.angle_beta   90.00
_cell.angle_gamma   90.00
#
_symmetry.space_group_name_H-M   'C 2 2 21'
#
loop_
_entity.id
_entity.type
_entity.pdbx_description
1 polymer 'DELTA PRIME'
2 non-polymer 'ZINC ION'
3 water water
#
_entity_poly.entity_id   1
_entity_poly.type   'polypeptide(L)'
_entity_poly.pdbx_seq_one_letter_code
;MRWYPWLRPDFEKLVASYQAGRGHHALLIQALPGMGDDALIYALSRYLLCQQPQGHKSCGHCRGCQLMQAGTHPDYYTLA
PEKGKNTLGVDAVREVTEKLNEHARLGGAKVVWVTDAALLTDAAANALLKTLEEPPAETWFFLATREPERLLATLRSRCR
LHYLAPPPEQYAVTWLSREVTMSQDALLAALRLSAGSPGAALALFQGDNWQARETLCQALAYSVPSGDWYSLLAALNHEQ
APARLHWLATLLMDALKRHHGAAQVTNVDVPGLVAELANHLSPSRLQAILGDVCHIREQLMSVTGINRELLITDLLLRIE
HYLQPGVVLPVPHL
;
_entity_poly.pdbx_strand_id   A
#
# COMPACT_ATOMS: atom_id res chain seq x y z
N MET A 1 -1.94 2.02 14.23
CA MET A 1 -3.30 1.62 13.80
C MET A 1 -4.23 2.73 14.22
N ARG A 2 -5.20 3.06 13.38
CA ARG A 2 -6.10 4.16 13.67
C ARG A 2 -7.45 3.92 13.04
N TRP A 3 -8.51 4.25 13.75
CA TRP A 3 -9.84 4.05 13.18
C TRP A 3 -10.26 5.29 12.42
N TYR A 4 -9.95 5.32 11.14
CA TYR A 4 -10.29 6.44 10.29
C TYR A 4 -11.81 6.51 10.09
N PRO A 5 -12.37 7.71 10.00
CA PRO A 5 -13.82 7.85 9.83
C PRO A 5 -14.49 7.32 8.54
N TRP A 6 -13.72 7.10 7.49
CA TRP A 6 -14.26 6.60 6.22
C TRP A 6 -14.42 5.09 6.19
N LEU A 7 -13.97 4.44 7.26
CA LEU A 7 -14.06 2.99 7.34
C LEU A 7 -15.44 2.47 7.66
N ARG A 8 -16.24 3.26 8.38
CA ARG A 8 -17.59 2.79 8.80
C ARG A 8 -18.50 2.06 7.80
N PRO A 9 -18.72 2.67 6.62
CA PRO A 9 -19.55 2.07 5.56
C PRO A 9 -19.13 0.63 5.26
N ASP A 10 -17.84 0.42 5.08
CA ASP A 10 -17.30 -0.89 4.79
C ASP A 10 -17.41 -1.77 6.02
N PHE A 11 -17.03 -1.25 7.19
CA PHE A 11 -17.11 -2.04 8.42
C PHE A 11 -18.51 -2.58 8.67
N GLU A 12 -19.51 -1.70 8.62
CA GLU A 12 -20.87 -2.14 8.88
C GLU A 12 -21.38 -3.12 7.86
N LYS A 13 -20.90 -2.99 6.63
CA LYS A 13 -21.31 -3.87 5.55
C LYS A 13 -20.76 -5.27 5.71
N LEU A 14 -19.49 -5.35 6.08
CA LEU A 14 -18.86 -6.64 6.25
C LEU A 14 -19.32 -7.31 7.53
N VAL A 15 -19.33 -6.55 8.63
CA VAL A 15 -19.72 -7.08 9.93
C VAL A 15 -21.13 -7.64 9.95
N ALA A 16 -22.04 -6.97 9.27
CA ALA A 16 -23.42 -7.43 9.16
C ALA A 16 -23.47 -8.77 8.46
N SER A 17 -22.62 -8.95 7.44
CA SER A 17 -22.63 -10.19 6.68
C SER A 17 -22.16 -11.36 7.56
N TYR A 18 -21.18 -11.14 8.41
CA TYR A 18 -20.69 -12.21 9.28
C TYR A 18 -21.74 -12.54 10.33
N GLN A 19 -22.45 -11.50 10.76
CA GLN A 19 -23.49 -11.61 11.75
C GLN A 19 -24.68 -12.38 11.21
N ALA A 20 -25.07 -12.10 9.96
CA ALA A 20 -26.21 -12.81 9.37
C ALA A 20 -25.82 -14.08 8.64
N GLY A 21 -24.60 -14.56 8.87
CA GLY A 21 -24.12 -15.77 8.24
C GLY A 21 -23.68 -15.76 6.78
N ARG A 22 -23.69 -14.57 6.15
CA ARG A 22 -23.31 -14.42 4.74
C ARG A 22 -21.81 -14.12 4.59
N GLY A 23 -21.05 -14.43 5.64
CA GLY A 23 -19.61 -14.17 5.62
C GLY A 23 -18.75 -15.23 4.96
N HIS A 24 -17.69 -14.78 4.31
CA HIS A 24 -16.78 -15.67 3.59
C HIS A 24 -15.63 -15.97 4.54
N HIS A 25 -15.20 -17.23 4.55
CA HIS A 25 -14.10 -17.67 5.40
C HIS A 25 -12.79 -17.05 4.95
N ALA A 26 -12.74 -16.59 3.71
CA ALA A 26 -11.55 -15.94 3.15
C ALA A 26 -11.91 -14.58 2.56
N LEU A 27 -11.61 -13.52 3.31
CA LEU A 27 -11.87 -12.17 2.88
C LEU A 27 -10.53 -11.58 2.44
N LEU A 28 -10.48 -11.16 1.17
CA LEU A 28 -9.30 -10.53 0.62
C LEU A 28 -9.66 -9.07 0.51
N ILE A 29 -9.02 -8.25 1.33
CA ILE A 29 -9.24 -6.82 1.32
C ILE A 29 -8.19 -6.14 0.46
N GLN A 30 -8.64 -5.35 -0.52
CA GLN A 30 -7.72 -4.62 -1.36
C GLN A 30 -7.71 -3.16 -0.93
N ALA A 31 -6.52 -2.67 -0.63
CA ALA A 31 -6.38 -1.30 -0.19
C ALA A 31 -4.97 -0.75 -0.34
N LEU A 32 -4.93 0.54 -0.62
CA LEU A 32 -3.67 1.28 -0.73
C LEU A 32 -3.14 1.38 0.70
N PRO A 33 -1.83 1.62 0.84
CA PRO A 33 -1.39 1.73 2.22
C PRO A 33 -1.94 3.05 2.79
N GLY A 34 -2.26 3.08 4.08
CA GLY A 34 -2.77 4.28 4.74
C GLY A 34 -4.27 4.49 4.65
N MET A 35 -4.95 3.48 4.11
CA MET A 35 -6.41 3.48 3.97
C MET A 35 -7.11 2.87 5.22
N GLY A 36 -6.33 2.18 6.07
CA GLY A 36 -6.85 1.56 7.28
C GLY A 36 -7.40 0.14 7.18
N ASP A 37 -6.83 -0.68 6.29
CA ASP A 37 -7.33 -2.04 6.14
C ASP A 37 -6.97 -2.79 7.42
N ASP A 38 -5.89 -2.36 8.05
CA ASP A 38 -5.43 -2.95 9.26
C ASP A 38 -6.43 -2.75 10.41
N ALA A 39 -6.95 -1.53 10.54
CA ALA A 39 -7.93 -1.20 11.57
C ALA A 39 -9.26 -1.89 11.30
N LEU A 40 -9.60 -2.03 10.02
CA LEU A 40 -10.84 -2.67 9.56
C LEU A 40 -10.80 -4.16 9.87
N ILE A 41 -9.71 -4.81 9.51
CA ILE A 41 -9.53 -6.22 9.77
C ILE A 41 -9.48 -6.49 11.29
N TYR A 42 -8.89 -5.55 12.04
CA TYR A 42 -8.81 -5.72 13.47
C TYR A 42 -10.19 -5.58 14.10
N ALA A 43 -10.96 -4.57 13.69
CA ALA A 43 -12.30 -4.40 14.23
C ALA A 43 -13.15 -5.61 13.91
N LEU A 44 -12.93 -6.24 12.77
CA LEU A 44 -13.70 -7.41 12.42
C LEU A 44 -13.19 -8.60 13.24
N SER A 45 -11.88 -8.68 13.45
CA SER A 45 -11.29 -9.76 14.24
C SER A 45 -11.86 -9.69 15.66
N ARG A 46 -11.85 -8.49 16.22
CA ARG A 46 -12.35 -8.24 17.55
C ARG A 46 -13.82 -8.62 17.67
N TYR A 47 -14.63 -8.30 16.66
CA TYR A 47 -16.03 -8.66 16.71
C TYR A 47 -16.20 -10.18 16.81
N LEU A 48 -15.53 -10.92 15.93
CA LEU A 48 -15.64 -12.40 15.87
C LEU A 48 -15.12 -13.16 17.06
N LEU A 49 -14.15 -12.57 17.75
CA LEU A 49 -13.54 -13.16 18.93
C LEU A 49 -14.23 -12.64 20.19
N CYS A 50 -15.26 -11.82 20.04
CA CYS A 50 -15.96 -11.34 21.22
C CYS A 50 -16.97 -12.43 21.61
N GLN A 51 -16.82 -12.91 22.84
CA GLN A 51 -17.69 -13.97 23.33
C GLN A 51 -19.07 -13.44 23.71
N GLN A 52 -19.22 -12.12 23.71
CA GLN A 52 -20.49 -11.49 24.05
C GLN A 52 -20.62 -10.14 23.31
N PRO A 53 -20.62 -10.19 21.97
CA PRO A 53 -20.75 -8.95 21.19
C PRO A 53 -21.99 -8.13 21.51
N GLN A 54 -21.84 -6.82 21.42
CA GLN A 54 -22.94 -5.91 21.67
C GLN A 54 -23.17 -5.30 20.31
N GLY A 55 -24.10 -5.89 19.58
CA GLY A 55 -24.39 -5.43 18.24
C GLY A 55 -23.23 -5.83 17.34
N HIS A 56 -22.53 -4.82 16.84
CA HIS A 56 -21.40 -5.02 15.96
C HIS A 56 -20.07 -4.77 16.70
N LYS A 57 -20.19 -4.33 17.94
CA LYS A 57 -19.00 -4.05 18.73
C LYS A 57 -18.57 -5.19 19.62
N SER A 58 -17.28 -5.16 19.95
CA SER A 58 -16.67 -6.09 20.86
C SER A 58 -17.08 -5.49 22.22
N CYS A 59 -17.33 -6.30 23.25
CA CYS A 59 -17.73 -5.70 24.54
C CYS A 59 -16.58 -5.03 25.31
N GLY A 60 -15.38 -5.60 25.22
CA GLY A 60 -14.21 -5.06 25.91
C GLY A 60 -14.09 -5.52 27.36
N HIS A 61 -14.90 -6.50 27.74
CA HIS A 61 -14.96 -7.07 29.09
C HIS A 61 -14.82 -8.59 29.14
N CYS A 62 -15.50 -9.32 28.25
CA CYS A 62 -15.42 -10.79 28.24
C CYS A 62 -13.97 -11.24 28.21
N ARG A 63 -13.72 -12.50 28.56
CA ARG A 63 -12.33 -13.00 28.59
C ARG A 63 -11.61 -12.95 27.24
N GLY A 64 -12.37 -13.17 26.16
CA GLY A 64 -11.80 -13.14 24.82
C GLY A 64 -11.23 -11.78 24.52
N CYS A 65 -12.00 -10.74 24.83
CA CYS A 65 -11.56 -9.37 24.62
C CYS A 65 -10.37 -9.07 25.54
N GLN A 66 -10.40 -9.62 26.76
CA GLN A 66 -9.32 -9.41 27.72
C GLN A 66 -8.00 -9.97 27.15
N LEU A 67 -8.03 -11.21 26.66
CA LEU A 67 -6.83 -11.78 26.06
C LEU A 67 -6.44 -11.02 24.77
N MET A 68 -7.41 -10.47 24.04
CA MET A 68 -7.04 -9.72 22.84
C MET A 68 -6.34 -8.44 23.26
N GLN A 69 -6.91 -7.75 24.25
CA GLN A 69 -6.34 -6.48 24.76
C GLN A 69 -4.91 -6.74 25.22
N ALA A 70 -4.71 -7.89 25.85
CA ALA A 70 -3.39 -8.31 26.35
C ALA A 70 -2.47 -8.72 25.21
N GLY A 71 -3.09 -9.23 24.13
CA GLY A 71 -2.37 -9.68 22.95
C GLY A 71 -1.98 -11.13 23.13
N THR A 72 -2.78 -11.85 23.90
CA THR A 72 -2.53 -13.24 24.23
C THR A 72 -3.63 -14.22 23.81
N HIS A 73 -4.61 -13.79 23.01
CA HIS A 73 -5.67 -14.73 22.59
C HIS A 73 -5.12 -15.90 21.75
N PRO A 74 -5.24 -17.14 22.23
CA PRO A 74 -4.74 -18.33 21.53
C PRO A 74 -5.42 -18.68 20.22
N ASP A 75 -6.56 -18.08 19.96
CA ASP A 75 -7.32 -18.35 18.74
C ASP A 75 -7.18 -17.27 17.67
N TYR A 76 -6.35 -16.27 17.94
CA TYR A 76 -6.10 -15.19 17.00
C TYR A 76 -4.70 -15.39 16.46
N TYR A 77 -4.57 -15.36 15.14
CA TYR A 77 -3.28 -15.59 14.46
C TYR A 77 -2.87 -14.45 13.55
N THR A 78 -1.57 -14.18 13.50
CA THR A 78 -1.06 -13.13 12.65
C THR A 78 0.11 -13.67 11.81
N LEU A 79 0.00 -13.49 10.50
CA LEU A 79 1.03 -13.91 9.56
C LEU A 79 1.58 -12.68 8.87
N ALA A 80 2.79 -12.32 9.27
CA ALA A 80 3.49 -11.17 8.76
C ALA A 80 4.91 -11.66 8.51
N PRO A 81 5.61 -11.04 7.54
CA PRO A 81 6.98 -11.52 7.30
C PRO A 81 7.83 -11.37 8.57
N GLU A 82 8.51 -12.45 8.97
CA GLU A 82 9.36 -12.45 10.16
C GLU A 82 10.18 -11.16 10.05
N LYS A 83 10.34 -10.40 11.12
CA LYS A 83 11.10 -9.14 11.03
C LYS A 83 12.49 -9.26 10.37
N GLY A 84 13.02 -10.47 10.31
CA GLY A 84 14.32 -10.70 9.69
C GLY A 84 14.27 -10.82 8.16
N LYS A 85 13.09 -11.04 7.59
CA LYS A 85 12.95 -11.16 6.14
C LYS A 85 11.98 -10.11 5.53
N ASN A 86 11.80 -10.18 4.21
CA ASN A 86 10.91 -9.28 3.49
C ASN A 86 9.86 -10.09 2.72
N THR A 87 9.78 -11.38 3.02
CA THR A 87 8.78 -12.28 2.44
C THR A 87 8.18 -13.12 3.59
N LEU A 88 7.23 -14.00 3.30
CA LEU A 88 6.57 -14.82 4.31
C LEU A 88 6.83 -16.28 3.96
N GLY A 89 7.63 -16.96 4.76
CA GLY A 89 7.97 -18.35 4.48
C GLY A 89 6.86 -19.36 4.69
N VAL A 90 7.13 -20.59 4.24
CA VAL A 90 6.17 -21.71 4.37
C VAL A 90 6.02 -22.30 5.77
N ASP A 91 7.12 -22.33 6.51
CA ASP A 91 7.12 -22.87 7.89
C ASP A 91 6.15 -22.09 8.78
N ALA A 92 6.25 -20.75 8.75
CA ALA A 92 5.35 -19.90 9.54
C ALA A 92 3.90 -20.21 9.23
N VAL A 93 3.54 -20.22 7.94
CA VAL A 93 2.18 -20.50 7.54
C VAL A 93 1.69 -21.85 8.10
N ARG A 94 2.33 -22.93 7.68
CA ARG A 94 1.97 -24.28 8.12
C ARG A 94 1.87 -24.36 9.64
N GLU A 95 2.78 -23.65 10.32
CA GLU A 95 2.84 -23.63 11.78
C GLU A 95 1.54 -23.09 12.37
N VAL A 96 0.90 -22.20 11.64
CA VAL A 96 -0.37 -21.63 12.08
C VAL A 96 -1.51 -22.55 11.61
N THR A 97 -1.44 -23.03 10.38
CA THR A 97 -2.49 -23.89 9.83
C THR A 97 -2.62 -25.21 10.55
N GLU A 98 -1.49 -25.72 11.03
CA GLU A 98 -1.44 -26.97 11.75
C GLU A 98 -2.25 -26.78 13.04
N LYS A 99 -1.99 -25.68 13.75
CA LYS A 99 -2.73 -25.34 14.98
C LYS A 99 -4.21 -25.09 14.65
N LEU A 100 -4.50 -24.57 13.46
CA LEU A 100 -5.90 -24.32 13.08
C LEU A 100 -6.71 -25.59 12.94
N ASN A 101 -6.02 -26.73 12.99
CA ASN A 101 -6.72 -28.02 12.89
C ASN A 101 -7.18 -28.63 14.25
N GLU A 102 -6.82 -27.95 15.35
CA GLU A 102 -7.22 -28.33 16.72
C GLU A 102 -8.52 -27.55 17.08
N HIS A 103 -9.27 -28.01 18.07
CA HIS A 103 -10.52 -27.31 18.43
C HIS A 103 -10.11 -26.02 19.14
N ALA A 104 -10.74 -24.90 18.79
CA ALA A 104 -10.35 -23.59 19.36
C ALA A 104 -10.19 -23.56 20.88
N ARG A 105 -9.04 -23.12 21.35
CA ARG A 105 -8.78 -23.09 22.78
C ARG A 105 -9.92 -22.46 23.59
N LEU A 106 -10.50 -21.36 23.14
CA LEU A 106 -11.60 -20.76 23.90
C LEU A 106 -12.95 -21.26 23.44
N GLY A 107 -12.95 -22.30 22.60
CA GLY A 107 -14.18 -22.89 22.11
C GLY A 107 -15.10 -22.07 21.19
N GLY A 108 -14.55 -21.05 20.53
CA GLY A 108 -15.38 -20.26 19.66
C GLY A 108 -14.80 -20.23 18.27
N ALA A 109 -14.63 -19.00 17.78
CA ALA A 109 -14.09 -18.74 16.45
C ALA A 109 -12.57 -18.68 16.49
N LYS A 110 -11.97 -18.71 15.31
CA LYS A 110 -10.54 -18.60 15.13
C LYS A 110 -10.40 -17.56 14.00
N VAL A 111 -9.41 -16.69 14.10
CA VAL A 111 -9.20 -15.64 13.09
C VAL A 111 -7.76 -15.63 12.66
N VAL A 112 -7.52 -15.56 11.34
CA VAL A 112 -6.15 -15.54 10.81
C VAL A 112 -6.00 -14.26 9.98
N TRP A 113 -4.97 -13.46 10.27
CA TRP A 113 -4.75 -12.22 9.54
C TRP A 113 -3.44 -12.29 8.79
N VAL A 114 -3.51 -12.38 7.47
CA VAL A 114 -2.34 -12.38 6.62
C VAL A 114 -2.15 -10.89 6.25
N THR A 115 -1.18 -10.27 6.90
CA THR A 115 -0.90 -8.85 6.71
C THR A 115 -0.70 -8.33 5.27
N ASP A 116 -0.10 -9.15 4.43
CA ASP A 116 0.14 -8.80 3.03
C ASP A 116 0.35 -10.10 2.27
N ALA A 117 -0.72 -10.60 1.67
CA ALA A 117 -0.69 -11.84 0.92
C ALA A 117 0.32 -11.82 -0.22
N ALA A 118 0.75 -10.64 -0.61
CA ALA A 118 1.71 -10.53 -1.70
C ALA A 118 3.07 -11.05 -1.25
N LEU A 119 3.43 -10.79 0.00
CA LEU A 119 4.72 -11.21 0.54
C LEU A 119 4.83 -12.70 0.74
N LEU A 120 3.74 -13.42 0.61
CA LEU A 120 3.77 -14.85 0.77
C LEU A 120 4.70 -15.46 -0.25
N THR A 121 5.42 -16.50 0.15
CA THR A 121 6.33 -17.20 -0.75
C THR A 121 5.43 -18.09 -1.60
N ASP A 122 5.92 -18.55 -2.73
CA ASP A 122 5.14 -19.40 -3.61
C ASP A 122 4.72 -20.72 -2.94
N ALA A 123 5.51 -21.20 -1.99
CA ALA A 123 5.14 -22.44 -1.32
C ALA A 123 4.16 -22.15 -0.17
N ALA A 124 4.31 -20.95 0.44
CA ALA A 124 3.47 -20.50 1.56
C ALA A 124 2.06 -20.21 1.06
N ALA A 125 1.97 -19.47 -0.04
CA ALA A 125 0.69 -19.16 -0.64
C ALA A 125 0.02 -20.50 -1.07
N ASN A 126 0.81 -21.39 -1.65
CA ASN A 126 0.33 -22.70 -2.08
C ASN A 126 -0.19 -23.52 -0.88
N ALA A 127 0.43 -23.37 0.28
CA ALA A 127 0.02 -24.08 1.48
C ALA A 127 -1.24 -23.47 2.08
N LEU A 128 -1.34 -22.15 2.00
CA LEU A 128 -2.50 -21.40 2.52
C LEU A 128 -3.70 -21.82 1.70
N LEU A 129 -3.52 -21.84 0.39
CA LEU A 129 -4.55 -22.26 -0.54
C LEU A 129 -5.21 -23.57 -0.08
N LYS A 130 -4.38 -24.58 0.23
CA LYS A 130 -4.86 -25.91 0.66
C LYS A 130 -5.76 -25.80 1.86
N THR A 131 -5.45 -24.85 2.74
CA THR A 131 -6.25 -24.64 3.92
C THR A 131 -7.53 -23.95 3.49
N LEU A 132 -7.41 -22.96 2.60
CA LEU A 132 -8.58 -22.22 2.12
C LEU A 132 -9.57 -23.11 1.37
N GLU A 133 -9.08 -24.10 0.63
CA GLU A 133 -9.98 -25.00 -0.10
C GLU A 133 -10.72 -26.00 0.79
N GLU A 134 -10.31 -26.09 2.05
CA GLU A 134 -10.90 -27.00 3.03
C GLU A 134 -10.80 -26.24 4.35
N PRO A 135 -11.52 -25.12 4.46
CA PRO A 135 -11.50 -24.26 5.65
C PRO A 135 -11.88 -24.97 6.96
N PRO A 136 -11.00 -24.91 7.98
CA PRO A 136 -11.33 -25.56 9.26
C PRO A 136 -12.55 -24.87 9.85
N ALA A 137 -13.38 -25.60 10.56
CA ALA A 137 -14.59 -25.02 11.15
C ALA A 137 -14.34 -23.76 11.99
N GLU A 138 -15.25 -22.79 11.85
CA GLU A 138 -15.25 -21.50 12.56
C GLU A 138 -13.94 -20.75 12.46
N THR A 139 -13.29 -20.79 11.31
CA THR A 139 -12.06 -20.05 11.18
C THR A 139 -12.28 -18.96 10.12
N TRP A 140 -11.87 -17.73 10.42
CA TRP A 140 -12.09 -16.61 9.52
C TRP A 140 -10.77 -16.05 9.15
N PHE A 141 -10.49 -16.04 7.84
CA PHE A 141 -9.24 -15.51 7.33
C PHE A 141 -9.43 -14.14 6.72
N PHE A 142 -8.42 -13.31 6.94
CA PHE A 142 -8.39 -11.96 6.45
C PHE A 142 -7.02 -11.78 5.82
N LEU A 143 -7.02 -11.58 4.50
CA LEU A 143 -5.79 -11.35 3.73
C LEU A 143 -5.94 -9.94 3.18
N ALA A 144 -4.88 -9.14 3.29
CA ALA A 144 -4.91 -7.78 2.75
C ALA A 144 -3.80 -7.61 1.70
N THR A 145 -4.04 -6.79 0.67
CA THR A 145 -3.01 -6.54 -0.34
C THR A 145 -3.19 -5.16 -0.94
N ARG A 146 -2.13 -4.64 -1.53
CA ARG A 146 -2.22 -3.36 -2.20
C ARG A 146 -2.63 -3.62 -3.65
N GLU A 147 -2.03 -4.65 -4.24
CA GLU A 147 -2.28 -5.06 -5.64
C GLU A 147 -2.53 -6.57 -5.71
N PRO A 148 -3.80 -7.01 -5.80
CA PRO A 148 -4.13 -8.43 -5.87
C PRO A 148 -3.57 -9.16 -7.08
N GLU A 149 -3.10 -8.40 -8.06
CA GLU A 149 -2.49 -8.95 -9.26
C GLU A 149 -1.14 -9.61 -8.92
N ARG A 150 -0.52 -9.16 -7.84
CA ARG A 150 0.78 -9.69 -7.43
C ARG A 150 0.66 -10.94 -6.55
N LEU A 151 -0.50 -11.57 -6.52
CA LEU A 151 -0.73 -12.75 -5.68
C LEU A 151 -0.81 -14.04 -6.48
N LEU A 152 -0.57 -15.15 -5.79
CA LEU A 152 -0.69 -16.45 -6.41
C LEU A 152 -2.13 -16.45 -6.94
N ALA A 153 -2.27 -16.61 -8.26
CA ALA A 153 -3.55 -16.60 -8.95
C ALA A 153 -4.60 -17.51 -8.34
N THR A 154 -4.20 -18.72 -8.00
CA THR A 154 -5.12 -19.69 -7.40
C THR A 154 -5.63 -19.23 -6.03
N LEU A 155 -4.85 -18.41 -5.32
CA LEU A 155 -5.22 -17.89 -4.01
C LEU A 155 -6.38 -16.90 -4.18
N ARG A 156 -6.22 -15.97 -5.12
CA ARG A 156 -7.23 -14.94 -5.38
C ARG A 156 -8.63 -15.45 -5.64
N SER A 157 -8.77 -16.54 -6.39
CA SER A 157 -10.10 -17.10 -6.71
C SER A 157 -10.86 -17.82 -5.60
N ARG A 158 -10.20 -18.05 -4.46
CA ARG A 158 -10.79 -18.70 -3.28
C ARG A 158 -11.21 -17.67 -2.21
N CYS A 159 -11.00 -16.39 -2.50
CA CYS A 159 -11.33 -15.32 -1.57
C CYS A 159 -12.38 -14.38 -2.12
N ARG A 160 -13.11 -13.74 -1.23
CA ARG A 160 -14.10 -12.76 -1.60
C ARG A 160 -13.32 -11.45 -1.54
N LEU A 161 -13.26 -10.75 -2.65
CA LEU A 161 -12.51 -9.50 -2.68
C LEU A 161 -13.36 -8.40 -2.17
N HIS A 162 -12.79 -7.58 -1.29
CA HIS A 162 -13.50 -6.42 -0.84
C HIS A 162 -12.52 -5.30 -1.05
N TYR A 163 -12.84 -4.40 -1.97
CA TYR A 163 -12.00 -3.26 -2.26
C TYR A 163 -12.36 -2.09 -1.35
N LEU A 164 -11.41 -1.69 -0.52
CA LEU A 164 -11.57 -0.58 0.43
C LEU A 164 -11.25 0.68 -0.35
N ALA A 165 -12.29 1.25 -0.95
CA ALA A 165 -12.12 2.40 -1.80
C ALA A 165 -11.90 3.69 -1.06
N PRO A 166 -11.01 4.54 -1.60
CA PRO A 166 -10.75 5.82 -0.95
C PRO A 166 -12.02 6.66 -0.85
N PRO A 167 -12.14 7.50 0.18
CA PRO A 167 -13.36 8.31 0.28
C PRO A 167 -13.29 9.44 -0.75
N PRO A 168 -14.37 10.22 -0.90
CA PRO A 168 -14.28 11.29 -1.90
C PRO A 168 -13.14 12.26 -1.62
N GLU A 169 -12.49 12.71 -2.69
CA GLU A 169 -11.36 13.62 -2.58
C GLU A 169 -11.64 14.81 -1.68
N GLN A 170 -12.80 15.45 -1.86
CA GLN A 170 -13.13 16.64 -1.09
C GLN A 170 -13.18 16.34 0.40
N TYR A 171 -13.65 15.14 0.74
CA TYR A 171 -13.77 14.69 2.11
C TYR A 171 -12.37 14.45 2.67
N ALA A 172 -11.52 13.84 1.85
CA ALA A 172 -10.15 13.53 2.22
C ALA A 172 -9.33 14.77 2.44
N VAL A 173 -9.51 15.80 1.62
CA VAL A 173 -8.76 17.06 1.77
C VAL A 173 -9.08 17.73 3.12
N THR A 174 -10.38 17.76 3.42
CA THR A 174 -10.87 18.35 4.65
C THR A 174 -10.35 17.58 5.87
N TRP A 175 -10.40 16.24 5.81
CA TRP A 175 -9.91 15.42 6.91
C TRP A 175 -8.47 15.82 7.16
N LEU A 176 -7.69 15.88 6.08
CA LEU A 176 -6.28 16.21 6.11
C LEU A 176 -6.05 17.60 6.63
N SER A 177 -6.87 18.54 6.21
CA SER A 177 -6.69 19.91 6.69
C SER A 177 -6.75 19.99 8.23
N ARG A 178 -7.41 18.99 8.83
CA ARG A 178 -7.57 18.91 10.29
C ARG A 178 -6.39 18.27 10.97
N GLU A 179 -5.64 17.47 10.22
CA GLU A 179 -4.47 16.77 10.71
C GLU A 179 -3.21 17.61 10.56
N VAL A 180 -3.17 18.47 9.55
CA VAL A 180 -2.00 19.35 9.36
C VAL A 180 -2.45 20.71 8.87
N THR A 181 -1.55 21.68 9.00
CA THR A 181 -1.79 23.04 8.58
C THR A 181 -0.98 23.28 7.30
N MET A 182 -1.61 23.16 6.13
CA MET A 182 -0.92 23.40 4.86
C MET A 182 -1.87 24.01 3.84
N SER A 183 -1.31 24.60 2.79
CA SER A 183 -2.07 25.17 1.70
C SER A 183 -2.80 23.97 1.13
N GLN A 184 -4.07 24.12 0.80
CA GLN A 184 -4.86 23.02 0.31
C GLN A 184 -4.52 22.38 -1.03
N ASP A 185 -3.68 23.04 -1.84
CA ASP A 185 -3.24 22.49 -3.11
C ASP A 185 -2.16 21.44 -2.79
N ALA A 186 -1.36 21.74 -1.77
CA ALA A 186 -0.32 20.81 -1.31
C ALA A 186 -0.99 19.52 -0.75
N LEU A 187 -2.10 19.69 -0.02
CA LEU A 187 -2.87 18.56 0.53
C LEU A 187 -3.43 17.74 -0.60
N LEU A 188 -4.15 18.40 -1.49
CA LEU A 188 -4.71 17.72 -2.65
C LEU A 188 -3.59 17.04 -3.48
N ALA A 189 -2.44 17.70 -3.59
CA ALA A 189 -1.32 17.12 -4.33
C ALA A 189 -0.86 15.85 -3.63
N ALA A 190 -0.59 15.92 -2.33
CA ALA A 190 -0.14 14.78 -1.54
C ALA A 190 -1.17 13.69 -1.69
N LEU A 191 -2.43 14.05 -1.61
CA LEU A 191 -3.51 13.10 -1.74
C LEU A 191 -3.48 12.42 -3.10
N ARG A 192 -3.34 13.18 -4.19
CA ARG A 192 -3.28 12.59 -5.54
C ARG A 192 -2.05 11.74 -5.73
N LEU A 193 -0.95 12.17 -5.12
CA LEU A 193 0.31 11.41 -5.18
C LEU A 193 0.08 10.08 -4.49
N SER A 194 -0.83 10.09 -3.51
CA SER A 194 -1.15 8.89 -2.73
C SER A 194 -2.29 8.07 -3.28
N ALA A 195 -2.80 8.46 -4.45
CA ALA A 195 -3.89 7.77 -5.11
C ALA A 195 -5.23 7.83 -4.33
N GLY A 196 -5.40 8.88 -3.53
CA GLY A 196 -6.62 9.06 -2.76
C GLY A 196 -6.58 8.51 -1.33
N SER A 197 -5.45 7.93 -0.94
CA SER A 197 -5.29 7.36 0.40
C SER A 197 -4.94 8.51 1.34
N PRO A 198 -5.88 8.90 2.22
CA PRO A 198 -5.64 10.00 3.15
C PRO A 198 -4.59 9.70 4.21
N GLY A 199 -4.45 8.46 4.63
CA GLY A 199 -3.45 8.14 5.62
C GLY A 199 -2.07 8.26 5.02
N ALA A 200 -1.87 7.72 3.81
CA ALA A 200 -0.56 7.80 3.13
C ALA A 200 -0.20 9.25 2.77
N ALA A 201 -1.21 10.07 2.45
CA ALA A 201 -1.03 11.50 2.14
C ALA A 201 -0.56 12.25 3.37
N LEU A 202 -0.98 11.75 4.54
CA LEU A 202 -0.61 12.37 5.81
C LEU A 202 0.82 11.93 6.13
N ALA A 203 1.18 10.69 5.79
CA ALA A 203 2.54 10.23 6.07
C ALA A 203 3.60 11.09 5.36
N LEU A 204 3.27 11.62 4.19
CA LEU A 204 4.19 12.47 3.42
C LEU A 204 4.52 13.76 4.18
N PHE A 205 3.56 14.27 4.92
CA PHE A 205 3.78 15.49 5.66
C PHE A 205 4.54 15.22 6.95
N GLN A 206 4.64 13.96 7.34
CA GLN A 206 5.34 13.63 8.56
C GLN A 206 6.80 13.24 8.36
N GLY A 207 7.65 14.26 8.47
CA GLY A 207 9.06 14.03 8.34
C GLY A 207 9.62 14.10 6.95
N ASP A 208 10.84 13.56 6.85
CA ASP A 208 11.64 13.47 5.63
C ASP A 208 10.88 13.71 4.30
N ASN A 209 9.81 12.98 4.07
CA ASN A 209 9.05 13.03 2.83
C ASN A 209 8.70 14.35 2.13
N TRP A 210 7.93 15.22 2.75
CA TRP A 210 7.58 16.45 2.05
C TRP A 210 8.79 17.27 1.64
N GLN A 211 9.81 17.32 2.52
CA GLN A 211 11.03 18.09 2.25
C GLN A 211 11.80 17.40 1.14
N ALA A 212 11.76 16.06 1.13
CA ALA A 212 12.42 15.30 0.09
C ALA A 212 11.85 15.63 -1.31
N ARG A 213 10.54 15.80 -1.39
CA ARG A 213 9.86 16.13 -2.65
C ARG A 213 10.30 17.52 -3.08
N GLU A 214 10.37 18.47 -2.14
CA GLU A 214 10.78 19.83 -2.48
C GLU A 214 12.19 19.85 -3.02
N THR A 215 13.07 19.08 -2.39
CA THR A 215 14.46 18.99 -2.80
C THR A 215 14.52 18.47 -4.22
N LEU A 216 13.71 17.46 -4.51
CA LEU A 216 13.61 16.83 -5.82
C LEU A 216 13.12 17.88 -6.78
N CYS A 217 12.10 18.61 -6.35
CA CYS A 217 11.48 19.63 -7.16
C CYS A 217 12.50 20.73 -7.50
N GLN A 218 13.30 21.10 -6.51
CA GLN A 218 14.33 22.11 -6.68
C GLN A 218 15.39 21.55 -7.63
N ALA A 219 15.72 20.28 -7.46
CA ALA A 219 16.71 19.64 -8.30
C ALA A 219 16.23 19.56 -9.76
N LEU A 220 14.92 19.36 -9.97
CA LEU A 220 14.40 19.30 -11.32
C LEU A 220 14.46 20.65 -11.98
N ALA A 221 14.16 21.69 -11.20
CA ALA A 221 14.20 23.07 -11.69
C ALA A 221 15.54 23.45 -12.35
N TYR A 222 16.60 22.73 -12.01
CA TYR A 222 17.96 22.94 -12.53
C TYR A 222 18.26 21.99 -13.69
N SER A 223 17.92 20.71 -13.55
CA SER A 223 18.15 19.69 -14.59
C SER A 223 17.44 19.96 -15.91
N VAL A 224 16.20 20.45 -15.85
CA VAL A 224 15.42 20.73 -17.06
C VAL A 224 16.09 21.73 -17.95
N PRO A 225 16.38 22.93 -17.44
CA PRO A 225 17.03 23.89 -18.32
C PRO A 225 18.50 23.54 -18.63
N SER A 226 19.16 22.81 -17.75
CA SER A 226 20.56 22.51 -18.01
C SER A 226 20.81 21.25 -18.77
N GLY A 227 19.85 20.34 -18.75
CA GLY A 227 20.03 19.07 -19.43
C GLY A 227 20.87 18.13 -18.57
N ASP A 228 21.27 18.60 -17.39
CA ASP A 228 22.07 17.77 -16.45
C ASP A 228 21.12 16.98 -15.52
N TRP A 229 20.77 15.74 -15.94
CA TRP A 229 19.89 14.88 -15.18
C TRP A 229 20.61 13.96 -14.17
N TYR A 230 21.89 13.70 -14.42
CA TYR A 230 22.64 12.86 -13.50
C TYR A 230 22.72 13.59 -12.15
N SER A 231 22.60 14.92 -12.15
CA SER A 231 22.68 15.66 -10.91
C SER A 231 21.54 15.33 -9.93
N LEU A 232 20.52 14.63 -10.41
CA LEU A 232 19.39 14.24 -9.58
C LEU A 232 19.66 13.07 -8.63
N LEU A 233 20.78 12.40 -8.82
CA LEU A 233 21.13 11.24 -8.00
C LEU A 233 20.97 11.44 -6.49
N ALA A 234 21.45 12.55 -5.94
CA ALA A 234 21.36 12.83 -4.50
C ALA A 234 19.90 12.78 -4.00
N ALA A 235 19.01 13.51 -4.67
CA ALA A 235 17.58 13.56 -4.34
C ALA A 235 16.86 12.24 -4.51
N LEU A 236 17.41 11.32 -5.29
CA LEU A 236 16.73 10.03 -5.54
C LEU A 236 17.38 8.82 -4.89
N ASN A 237 18.71 8.86 -4.71
CA ASN A 237 19.48 7.77 -4.11
C ASN A 237 19.26 7.77 -2.58
N HIS A 238 18.33 6.92 -2.17
CA HIS A 238 17.94 6.82 -0.78
C HIS A 238 17.04 5.60 -0.69
N GLU A 239 16.82 5.12 0.53
CA GLU A 239 15.98 3.96 0.78
C GLU A 239 14.61 4.05 0.11
N GLN A 240 13.99 5.20 0.27
CA GLN A 240 12.67 5.48 -0.30
C GLN A 240 12.73 6.00 -1.77
N ALA A 241 13.64 5.42 -2.56
CA ALA A 241 13.76 5.81 -3.95
C ALA A 241 12.51 5.46 -4.77
N PRO A 242 11.92 4.27 -4.54
CA PRO A 242 10.71 3.93 -5.29
C PRO A 242 9.58 4.99 -5.22
N ALA A 243 9.42 5.63 -4.07
CA ALA A 243 8.39 6.67 -3.89
C ALA A 243 8.88 7.92 -4.57
N ARG A 244 10.16 8.21 -4.40
CA ARG A 244 10.76 9.38 -5.02
C ARG A 244 10.69 9.32 -6.55
N LEU A 245 10.79 8.11 -7.10
CA LEU A 245 10.70 7.91 -8.56
C LEU A 245 9.26 8.10 -9.00
N HIS A 246 8.34 7.74 -8.11
CA HIS A 246 6.92 7.91 -8.37
C HIS A 246 6.64 9.40 -8.53
N TRP A 247 7.15 10.22 -7.61
CA TRP A 247 6.93 11.65 -7.69
C TRP A 247 7.35 12.14 -9.05
N LEU A 248 8.57 11.78 -9.43
CA LEU A 248 9.13 12.15 -10.71
C LEU A 248 8.18 11.75 -11.85
N ALA A 249 7.81 10.48 -11.91
CA ALA A 249 6.93 9.95 -12.95
C ALA A 249 5.65 10.78 -13.03
N THR A 250 5.18 11.15 -11.87
CA THR A 250 4.00 11.93 -11.71
C THR A 250 4.12 13.34 -12.33
N LEU A 251 5.28 13.96 -12.19
CA LEU A 251 5.47 15.29 -12.78
C LEU A 251 5.53 15.19 -14.32
N LEU A 252 6.28 14.20 -14.81
CA LEU A 252 6.42 13.96 -16.24
C LEU A 252 5.06 13.72 -16.85
N MET A 253 4.26 12.90 -16.18
CA MET A 253 2.92 12.55 -16.65
C MET A 253 2.03 13.78 -16.63
N ASP A 254 2.25 14.70 -15.68
CA ASP A 254 1.47 15.92 -15.63
C ASP A 254 1.92 16.83 -16.79
N ALA A 255 3.22 16.83 -17.07
CA ALA A 255 3.78 17.65 -18.14
C ALA A 255 3.25 17.14 -19.48
N LEU A 256 2.98 15.83 -19.58
CA LEU A 256 2.42 15.23 -20.79
C LEU A 256 0.92 15.49 -20.97
N LYS A 257 0.24 16.10 -20.00
CA LYS A 257 -1.17 16.35 -20.18
C LYS A 257 -1.39 17.77 -20.69
N ARG A 258 -0.51 18.20 -21.60
CA ARG A 258 -0.51 19.53 -22.25
C ARG A 258 -0.68 20.67 -21.24
N VAL A 265 -4.53 16.17 -13.11
CA VAL A 265 -3.25 16.78 -12.68
C VAL A 265 -2.98 16.40 -11.23
N THR A 266 -1.87 15.70 -10.97
CA THR A 266 -1.58 15.30 -9.60
C THR A 266 -0.79 16.35 -8.81
N ASN A 267 0.21 16.95 -9.43
CA ASN A 267 1.01 17.95 -8.72
C ASN A 267 0.41 19.36 -8.83
N VAL A 268 -0.78 19.53 -8.26
CA VAL A 268 -1.49 20.82 -8.32
C VAL A 268 -0.82 21.98 -7.60
N ASP A 269 0.15 21.66 -6.75
CA ASP A 269 0.84 22.68 -5.98
C ASP A 269 2.05 23.27 -6.67
N VAL A 270 2.50 22.63 -7.74
CA VAL A 270 3.69 23.12 -8.46
C VAL A 270 3.46 23.25 -9.97
N PRO A 271 2.43 24.01 -10.39
CA PRO A 271 2.16 24.16 -11.82
C PRO A 271 3.34 24.78 -12.55
N GLY A 272 4.20 25.48 -11.81
CA GLY A 272 5.33 26.11 -12.42
C GLY A 272 6.28 25.12 -13.03
N LEU A 273 6.67 24.12 -12.25
CA LEU A 273 7.60 23.09 -12.70
C LEU A 273 6.99 22.17 -13.75
N VAL A 274 5.69 21.93 -13.66
CA VAL A 274 5.01 21.11 -14.64
C VAL A 274 5.12 21.86 -15.96
N ALA A 275 4.87 23.17 -15.93
CA ALA A 275 4.95 24.01 -17.13
C ALA A 275 6.37 23.97 -17.72
N GLU A 276 7.38 24.22 -16.89
CA GLU A 276 8.77 24.17 -17.30
C GLU A 276 9.11 22.83 -17.94
N LEU A 277 8.54 21.74 -17.42
CA LEU A 277 8.79 20.42 -17.98
C LEU A 277 8.15 20.31 -19.36
N ALA A 278 6.88 20.70 -19.46
CA ALA A 278 6.10 20.64 -20.72
C ALA A 278 6.63 21.61 -21.77
N ASN A 279 7.29 22.68 -21.32
CA ASN A 279 7.83 23.65 -22.22
C ASN A 279 9.21 23.28 -22.78
N HIS A 280 10.11 22.78 -21.94
CA HIS A 280 11.46 22.43 -22.38
C HIS A 280 11.65 21.01 -22.93
N LEU A 281 10.74 20.10 -22.62
CA LEU A 281 10.86 18.73 -23.11
C LEU A 281 9.76 18.35 -24.08
N SER A 282 10.16 17.76 -25.21
CA SER A 282 9.19 17.35 -26.20
C SER A 282 8.40 16.17 -25.67
N PRO A 283 7.14 16.00 -26.12
CA PRO A 283 6.31 14.89 -25.67
C PRO A 283 6.97 13.55 -25.90
N SER A 284 7.76 13.41 -26.96
CA SER A 284 8.41 12.13 -27.22
C SER A 284 9.42 11.83 -26.13
N ARG A 285 10.08 12.86 -25.63
CA ARG A 285 11.04 12.66 -24.56
C ARG A 285 10.39 12.52 -23.19
N LEU A 286 9.34 13.29 -22.92
CA LEU A 286 8.66 13.14 -21.65
C LEU A 286 8.20 11.67 -21.56
N GLN A 287 7.67 11.12 -22.62
CA GLN A 287 7.22 9.73 -22.61
C GLN A 287 8.33 8.69 -22.46
N ALA A 288 9.45 8.91 -23.15
CA ALA A 288 10.60 8.00 -23.10
C ALA A 288 11.20 8.03 -21.70
N ILE A 289 11.29 9.23 -21.14
CA ILE A 289 11.82 9.41 -19.80
C ILE A 289 10.85 8.79 -18.80
N LEU A 290 9.54 9.00 -19.01
CA LEU A 290 8.52 8.43 -18.13
C LEU A 290 8.55 6.87 -18.15
N GLY A 291 8.66 6.27 -19.33
CA GLY A 291 8.68 4.82 -19.43
C GLY A 291 9.87 4.22 -18.70
N ASP A 292 11.02 4.84 -18.84
CA ASP A 292 12.27 4.39 -18.21
C ASP A 292 12.17 4.52 -16.69
N VAL A 293 11.74 5.68 -16.21
CA VAL A 293 11.57 5.92 -14.77
C VAL A 293 10.66 4.85 -14.11
N CYS A 294 9.55 4.56 -14.77
CA CYS A 294 8.59 3.57 -14.26
C CYS A 294 9.17 2.16 -14.27
N HIS A 295 9.96 1.85 -15.29
CA HIS A 295 10.59 0.54 -15.39
C HIS A 295 11.69 0.34 -14.30
N ILE A 296 12.42 1.40 -13.97
CA ILE A 296 13.46 1.33 -12.96
C ILE A 296 12.78 1.32 -11.60
N ARG A 297 11.66 2.02 -11.50
CA ARG A 297 10.94 2.05 -10.25
C ARG A 297 10.60 0.61 -9.86
N GLU A 298 10.03 -0.12 -10.82
CA GLU A 298 9.66 -1.51 -10.64
C GLU A 298 10.88 -2.37 -10.37
N GLN A 299 11.97 -2.15 -11.10
CA GLN A 299 13.19 -2.93 -10.87
C GLN A 299 13.66 -2.79 -9.43
N LEU A 300 13.50 -1.59 -8.89
CA LEU A 300 13.91 -1.29 -7.53
C LEU A 300 13.01 -1.89 -6.46
N MET A 301 11.76 -2.18 -6.82
CA MET A 301 10.79 -2.75 -5.89
C MET A 301 10.66 -4.26 -6.01
N SER A 302 10.98 -4.81 -7.19
CA SER A 302 10.86 -6.25 -7.40
C SER A 302 12.02 -7.01 -6.77
N VAL A 303 13.22 -6.47 -6.94
CA VAL A 303 14.43 -7.07 -6.38
C VAL A 303 15.42 -5.92 -6.29
N THR A 304 15.07 -4.84 -5.55
CA THR A 304 15.94 -3.66 -5.36
C THR A 304 17.38 -3.98 -5.73
N GLY A 305 17.68 -4.02 -7.05
CA GLY A 305 18.98 -4.38 -7.58
C GLY A 305 20.04 -4.10 -6.55
N ILE A 306 20.53 -5.16 -5.88
CA ILE A 306 21.55 -5.09 -4.80
C ILE A 306 22.35 -3.76 -4.78
N ASN A 307 22.57 -3.22 -5.98
CA ASN A 307 23.25 -1.95 -6.18
C ASN A 307 22.26 -0.98 -6.86
N ARG A 308 21.39 -0.40 -6.02
CA ARG A 308 20.37 0.56 -6.45
C ARG A 308 20.93 1.83 -7.09
N GLU A 309 22.02 2.34 -6.56
CA GLU A 309 22.64 3.55 -7.11
C GLU A 309 23.06 3.39 -8.59
N LEU A 310 23.41 2.18 -8.99
CA LEU A 310 23.80 1.93 -10.37
C LEU A 310 22.57 2.06 -11.22
N LEU A 311 21.50 1.36 -10.83
CA LEU A 311 20.25 1.43 -11.56
C LEU A 311 19.87 2.85 -11.82
N ILE A 312 19.86 3.66 -10.76
CA ILE A 312 19.49 5.06 -10.89
C ILE A 312 20.44 5.88 -11.75
N THR A 313 21.74 5.75 -11.54
CA THR A 313 22.68 6.52 -12.35
C THR A 313 22.54 6.20 -13.83
N ASP A 314 22.31 4.93 -14.15
CA ASP A 314 22.18 4.52 -15.55
C ASP A 314 20.90 5.11 -16.12
N LEU A 315 19.90 5.21 -15.26
CA LEU A 315 18.59 5.76 -15.60
C LEU A 315 18.81 7.23 -15.97
N LEU A 316 19.51 7.97 -15.11
CA LEU A 316 19.75 9.38 -15.38
C LEU A 316 20.56 9.60 -16.66
N LEU A 317 21.48 8.69 -16.95
CA LEU A 317 22.31 8.79 -18.15
C LEU A 317 21.55 8.38 -19.41
N ARG A 318 20.60 7.46 -19.27
CA ARG A 318 19.84 7.11 -20.44
C ARG A 318 18.97 8.33 -20.79
N ILE A 319 18.43 8.96 -19.75
CA ILE A 319 17.60 10.16 -19.91
C ILE A 319 18.34 11.28 -20.65
N GLU A 320 19.59 11.50 -20.29
CA GLU A 320 20.37 12.53 -20.94
C GLU A 320 20.62 12.11 -22.37
N HIS A 321 20.74 10.82 -22.62
CA HIS A 321 20.94 10.34 -23.97
C HIS A 321 19.70 10.67 -24.83
N TYR A 322 18.52 10.60 -24.21
CA TYR A 322 17.24 10.89 -24.87
C TYR A 322 17.09 12.31 -25.40
N LEU A 323 17.62 13.25 -24.64
CA LEU A 323 17.56 14.65 -24.97
C LEU A 323 18.31 15.07 -26.22
N GLN A 324 19.19 14.22 -26.73
CA GLN A 324 20.00 14.51 -27.89
C GLN A 324 19.29 14.47 -29.25
N PRO A 325 19.53 15.48 -30.10
CA PRO A 325 18.90 15.51 -31.42
C PRO A 325 19.34 14.28 -32.19
N GLY A 326 18.42 13.65 -32.90
CA GLY A 326 18.77 12.48 -33.70
C GLY A 326 18.75 11.10 -33.04
N VAL A 327 18.46 11.07 -31.76
CA VAL A 327 18.41 9.82 -31.01
C VAL A 327 17.05 9.11 -31.18
N VAL A 328 17.08 7.80 -31.45
CA VAL A 328 15.86 7.00 -31.59
C VAL A 328 15.44 6.66 -30.16
N LEU A 329 14.23 7.04 -29.78
CA LEU A 329 13.73 6.84 -28.42
C LEU A 329 13.26 5.49 -27.79
N PRO A 330 12.83 4.51 -28.60
CA PRO A 330 12.37 3.20 -28.10
C PRO A 330 12.24 3.04 -26.58
#